data_8WY3
#
_entry.id   8WY3
#
_cell.length_a   140.409
_cell.length_b   140.409
_cell.length_c   134.482
_cell.angle_alpha   90.00
_cell.angle_beta   90.00
_cell.angle_gamma   120.00
#
_symmetry.space_group_name_H-M   'P 61 2 2'
#
loop_
_entity.id
_entity.type
_entity.pdbx_description
1 polymer 'Bromodomain-containing protein 4'
2 non-polymer ~{N}-cyclopropyl-2-[[5-[2-(4-fluoranyl-2,6-dimethyl-phenoxy)-5-(2-oxidanylpropan-2-yl)phenyl]-1-methyl-2-oxidanylidene-pyridin-4-yl]amino]ethanamide
3 water water
#
_entity_poly.entity_id   1
_entity_poly.type   'polypeptide(L)'
_entity_poly.pdbx_seq_one_letter_code
;MKKGHHHHHHLVPRGSNPPPPETSNPNKPKRQTNQLQYLLRVVLKTLWKHQFAWPFQQPVDAVKLNLPDYYKIIKTPMDM
GTIKKRLENNYYWNAQECIQDFNTMFTNCYIYNKPGDDIVLMAEALEKLFLQKINELPTEE
;
_entity_poly.pdbx_strand_id   A,B,C
#
# COMPACT_ATOMS: atom_id res chain seq x y z
N THR A 33 17.94 33.46 -10.53
CA THR A 33 17.51 32.14 -9.95
C THR A 33 17.97 32.07 -8.46
N ASN A 34 16.99 32.21 -7.54
CA ASN A 34 17.11 31.90 -6.10
C ASN A 34 17.73 30.51 -5.98
N GLN A 35 18.73 30.39 -5.12
CA GLN A 35 19.51 29.16 -5.08
C GLN A 35 18.71 27.96 -4.51
N LEU A 36 17.94 28.19 -3.46
CA LEU A 36 17.04 27.16 -2.99
C LEU A 36 16.04 26.62 -4.05
N GLN A 37 15.52 27.46 -4.95
CA GLN A 37 14.69 26.95 -6.06
C GLN A 37 15.51 26.03 -6.92
N TYR A 38 16.77 26.43 -7.23
CA TYR A 38 17.68 25.62 -8.06
C TYR A 38 17.95 24.23 -7.41
N LEU A 39 18.16 24.22 -6.10
CA LEU A 39 18.32 22.97 -5.37
C LEU A 39 17.12 22.06 -5.48
N LEU A 40 15.90 22.60 -5.38
CA LEU A 40 14.68 21.79 -5.46
C LEU A 40 14.35 21.30 -6.89
N ARG A 41 14.36 22.23 -7.84
CA ARG A 41 13.96 21.92 -9.21
C ARG A 41 14.99 21.26 -10.04
N VAL A 42 16.27 21.49 -9.77
CA VAL A 42 17.35 20.93 -10.57
C VAL A 42 18.15 19.93 -9.77
N VAL A 43 18.77 20.31 -8.65
CA VAL A 43 19.70 19.37 -8.00
C VAL A 43 18.97 18.13 -7.53
N LEU A 44 17.96 18.33 -6.69
CA LEU A 44 17.21 17.26 -6.13
C LEU A 44 16.42 16.52 -7.16
N LYS A 45 15.84 17.18 -8.16
CA LYS A 45 15.08 16.42 -9.16
C LYS A 45 16.01 15.46 -9.86
N THR A 46 17.23 15.90 -10.20
CA THR A 46 18.20 15.02 -10.87
C THR A 46 18.61 13.80 -10.03
N LEU A 47 18.93 14.06 -8.77
CA LEU A 47 19.36 13.03 -7.83
C LEU A 47 18.24 12.11 -7.50
N TRP A 48 17.06 12.65 -7.30
CA TRP A 48 15.91 11.82 -6.94
C TRP A 48 15.58 10.79 -8.01
N LYS A 49 15.74 11.21 -9.26
CA LYS A 49 15.46 10.38 -10.45
C LYS A 49 16.50 9.30 -10.70
N HIS A 50 17.75 9.54 -10.36
CA HIS A 50 18.82 8.54 -10.48
C HIS A 50 18.56 7.08 -10.01
N GLN A 51 19.16 6.16 -10.76
CA GLN A 51 19.27 4.71 -10.45
C GLN A 51 19.40 4.40 -8.97
N PHE A 52 20.29 5.13 -8.32
CA PHE A 52 20.77 4.76 -7.01
C PHE A 52 20.10 5.52 -5.90
N ALA A 53 19.08 6.31 -6.21
CA ALA A 53 18.46 7.09 -5.18
C ALA A 53 17.71 6.33 -4.10
N TRP A 54 17.13 5.19 -4.42
CA TRP A 54 16.11 4.61 -3.53
C TRP A 54 16.55 4.38 -2.05
N PRO A 55 17.82 3.97 -1.82
CA PRO A 55 18.19 3.77 -0.39
C PRO A 55 18.27 5.10 0.39
N PHE A 56 18.35 6.19 -0.36
CA PHE A 56 18.46 7.52 0.18
C PHE A 56 17.18 8.34 0.15
N GLN A 57 16.03 7.76 -0.16
CA GLN A 57 14.81 8.59 -0.34
C GLN A 57 14.02 8.64 0.94
N GLN A 58 14.49 7.94 1.96
CA GLN A 58 13.85 7.98 3.26
C GLN A 58 14.88 7.60 4.30
N PRO A 59 14.57 7.89 5.56
CA PRO A 59 15.51 7.64 6.64
C PRO A 59 15.98 6.23 6.72
N VAL A 60 17.19 6.01 7.21
CA VAL A 60 17.62 4.65 7.38
C VAL A 60 16.84 4.13 8.55
N ASP A 61 16.00 3.13 8.25
CA ASP A 61 15.14 2.52 9.26
C ASP A 61 15.93 1.44 9.98
N ALA A 62 16.51 1.84 11.10
CA ALA A 62 17.41 0.96 11.85
C ALA A 62 16.72 -0.28 12.45
N VAL A 63 15.42 -0.15 12.73
CA VAL A 63 14.61 -1.23 13.29
C VAL A 63 14.36 -2.32 12.24
N LYS A 64 13.73 -1.95 11.11
CA LYS A 64 13.54 -2.89 9.99
C LYS A 64 14.86 -3.53 9.70
N LEU A 65 15.85 -2.75 9.30
CA LEU A 65 17.13 -3.32 8.87
C LEU A 65 17.95 -4.02 9.95
N ASN A 66 17.51 -3.87 11.20
CA ASN A 66 18.05 -4.65 12.32
C ASN A 66 19.52 -4.30 12.57
N LEU A 67 19.71 -3.00 12.89
CA LEU A 67 20.98 -2.28 13.03
C LEU A 67 20.81 -1.45 14.31
N PRO A 68 21.06 -2.05 15.46
CA PRO A 68 20.71 -1.28 16.69
C PRO A 68 21.63 -0.03 16.96
N ASP A 69 22.93 -0.21 16.74
CA ASP A 69 24.01 0.80 16.89
C ASP A 69 24.03 2.04 15.90
N TYR A 70 23.26 1.97 14.81
CA TYR A 70 23.19 3.02 13.78
C TYR A 70 22.88 4.39 14.34
N TYR A 71 21.90 4.51 15.23
CA TYR A 71 21.59 5.84 15.76
C TYR A 71 22.61 6.33 16.78
N LYS A 72 23.43 5.44 17.33
CA LYS A 72 24.50 5.84 18.27
C LYS A 72 25.67 6.43 17.54
N ILE A 73 26.09 5.75 16.49
CA ILE A 73 27.13 6.22 15.57
C ILE A 73 26.80 7.47 14.73
N ILE A 74 25.62 7.49 14.11
CA ILE A 74 25.17 8.59 13.29
C ILE A 74 24.34 9.55 14.13
N LYS A 75 24.98 10.66 14.48
CA LYS A 75 24.37 11.62 15.37
C LYS A 75 23.32 12.44 14.68
N THR A 76 23.49 12.70 13.37
CA THR A 76 22.55 13.55 12.59
C THR A 76 22.11 12.83 11.35
N PRO A 77 21.06 12.03 11.45
CA PRO A 77 20.75 11.22 10.28
C PRO A 77 20.13 12.10 9.20
N MET A 78 20.20 11.68 7.95
CA MET A 78 19.74 12.50 6.83
C MET A 78 19.56 11.74 5.56
N ASP A 79 18.66 12.30 4.75
CA ASP A 79 18.21 11.66 3.52
C ASP A 79 17.48 12.63 2.65
N MET A 80 17.46 12.32 1.36
CA MET A 80 16.76 13.13 0.37
C MET A 80 15.24 13.36 0.63
N GLY A 81 14.57 12.41 1.31
CA GLY A 81 13.18 12.57 1.64
C GLY A 81 13.02 13.76 2.56
N THR A 82 13.85 13.81 3.58
CA THR A 82 13.85 14.88 4.54
C THR A 82 14.31 16.22 3.92
N ILE A 83 15.31 16.18 3.05
CA ILE A 83 15.77 17.42 2.43
C ILE A 83 14.65 17.95 1.54
N LYS A 84 14.06 17.08 0.72
CA LYS A 84 12.89 17.46 -0.07
C LYS A 84 11.82 18.13 0.80
N LYS A 85 11.43 17.47 1.90
CA LYS A 85 10.40 18.03 2.78
C LYS A 85 10.76 19.44 3.32
N ARG A 86 12.05 19.61 3.61
CA ARG A 86 12.58 20.89 4.05
C ARG A 86 12.52 21.95 2.98
N LEU A 87 12.87 21.62 1.74
CA LEU A 87 12.78 22.57 0.64
C LEU A 87 11.33 22.93 0.37
N GLU A 88 10.40 22.03 0.59
CA GLU A 88 9.02 22.28 0.26
C GLU A 88 8.28 23.05 1.34
N ASN A 89 8.85 23.00 2.54
CA ASN A 89 8.15 23.54 3.68
C ASN A 89 8.94 24.59 4.44
N ASN A 90 9.81 25.27 3.69
CA ASN A 90 10.42 26.56 4.11
C ASN A 90 11.32 26.45 5.30
N TYR A 91 11.88 25.26 5.52
CA TYR A 91 12.70 25.01 6.68
C TYR A 91 14.04 25.73 6.59
N TYR A 92 14.72 25.72 5.45
CA TYR A 92 16.10 26.27 5.38
C TYR A 92 16.18 27.79 5.45
N TRP A 93 17.08 28.29 6.29
CA TRP A 93 17.49 29.70 6.26
C TRP A 93 18.15 30.09 4.96
N ASN A 94 19.00 29.22 4.41
CA ASN A 94 19.68 29.53 3.14
C ASN A 94 20.19 28.30 2.39
N ALA A 95 20.62 28.47 1.16
CA ALA A 95 21.18 27.38 0.42
C ALA A 95 22.33 26.60 1.09
N GLN A 96 23.19 27.25 1.86
CA GLN A 96 24.33 26.52 2.40
C GLN A 96 23.89 25.58 3.45
N GLU A 97 22.81 25.90 4.16
CA GLU A 97 22.29 24.97 5.17
C GLU A 97 21.76 23.66 4.50
N CYS A 98 21.15 23.84 3.34
CA CYS A 98 20.69 22.72 2.54
C CYS A 98 21.84 21.89 1.91
N ILE A 99 22.87 22.55 1.41
CA ILE A 99 24.04 21.82 0.92
C ILE A 99 24.73 20.98 2.02
N GLN A 100 24.76 21.46 3.26
CA GLN A 100 25.36 20.70 4.34
C GLN A 100 24.58 19.43 4.63
N ASP A 101 23.26 19.52 4.54
CA ASP A 101 22.43 18.35 4.68
C ASP A 101 22.72 17.31 3.63
N PHE A 102 22.81 17.67 2.36
CA PHE A 102 23.28 16.68 1.35
C PHE A 102 24.61 16.09 1.75
N ASN A 103 25.60 16.91 2.09
CA ASN A 103 26.93 16.35 2.48
C ASN A 103 26.81 15.43 3.70
N THR A 104 25.94 15.77 4.65
CA THR A 104 25.75 14.90 5.81
C THR A 104 25.24 13.52 5.40
N MET A 105 24.30 13.51 4.46
CA MET A 105 23.74 12.28 3.95
C MET A 105 24.87 11.41 3.42
N PHE A 106 25.69 11.97 2.53
CA PHE A 106 26.76 11.17 1.98
C PHE A 106 27.75 10.71 3.05
N THR A 107 28.21 11.61 3.91
CA THR A 107 29.23 11.21 4.90
C THR A 107 28.67 10.25 5.93
N ASN A 108 27.41 10.43 6.32
CA ASN A 108 26.78 9.47 7.20
C ASN A 108 26.93 8.05 6.66
N CYS A 109 26.76 7.91 5.35
CA CYS A 109 26.85 6.63 4.67
C CYS A 109 28.29 6.11 4.59
N TYR A 110 29.22 7.00 4.31
CA TYR A 110 30.65 6.65 4.40
C TYR A 110 31.11 6.31 5.82
N ILE A 111 30.52 6.90 6.86
CA ILE A 111 30.88 6.51 8.23
C ILE A 111 30.36 5.11 8.61
N TYR A 112 29.07 4.90 8.47
CA TYR A 112 28.43 3.70 8.98
C TYR A 112 28.81 2.43 8.23
N ASN A 113 29.03 2.49 6.92
CA ASN A 113 29.19 1.30 6.10
C ASN A 113 30.65 1.17 5.79
N LYS A 114 31.08 0.05 5.21
CA LYS A 114 32.52 -0.18 5.02
C LYS A 114 32.78 0.21 3.59
N PRO A 115 33.99 0.68 3.22
CA PRO A 115 34.24 1.02 1.78
C PRO A 115 34.25 -0.20 0.92
N GLY A 116 33.98 -0.04 -0.36
CA GLY A 116 33.80 -1.21 -1.17
C GLY A 116 32.34 -1.56 -1.19
N ASP A 117 31.62 -1.57 -0.04
CA ASP A 117 30.15 -1.84 0.01
C ASP A 117 29.35 -1.20 -1.16
N ASP A 118 28.30 -1.92 -1.54
CA ASP A 118 27.40 -1.51 -2.62
C ASP A 118 26.80 -0.13 -2.27
N ILE A 119 26.24 -0.07 -1.07
CA ILE A 119 25.66 1.17 -0.53
C ILE A 119 26.60 2.37 -0.62
N VAL A 120 27.87 2.15 -0.34
CA VAL A 120 28.88 3.18 -0.46
C VAL A 120 29.17 3.59 -1.89
N LEU A 121 29.23 2.63 -2.81
CA LEU A 121 29.52 2.96 -4.22
C LEU A 121 28.43 3.78 -4.88
N MET A 122 27.21 3.52 -4.42
CA MET A 122 26.03 4.25 -4.83
C MET A 122 26.08 5.70 -4.34
N ALA A 123 26.33 5.85 -3.04
CA ALA A 123 26.45 7.20 -2.47
C ALA A 123 27.53 7.96 -3.16
N GLU A 124 28.61 7.26 -3.55
CA GLU A 124 29.74 7.89 -4.24
C GLU A 124 29.32 8.45 -5.58
N ALA A 125 28.51 7.69 -6.32
CA ALA A 125 27.98 8.15 -7.64
C ALA A 125 27.08 9.38 -7.52
N LEU A 126 26.12 9.28 -6.58
CA LEU A 126 25.30 10.43 -6.24
C LEU A 126 26.10 11.65 -5.81
N GLU A 127 27.17 11.46 -5.04
CA GLU A 127 28.02 12.59 -4.66
C GLU A 127 28.63 13.23 -5.89
N LYS A 128 29.18 12.38 -6.79
CA LYS A 128 29.80 12.87 -8.02
C LYS A 128 28.81 13.80 -8.77
N LEU A 129 27.58 13.30 -8.95
CA LEU A 129 26.55 14.02 -9.67
C LEU A 129 26.10 15.28 -8.96
N PHE A 130 25.90 15.14 -7.66
CA PHE A 130 25.55 16.25 -6.80
C PHE A 130 26.54 17.40 -6.99
N LEU A 131 27.82 17.07 -7.10
CA LEU A 131 28.84 18.09 -7.25
C LEU A 131 28.88 18.76 -8.61
N GLN A 132 28.62 18.01 -9.69
CA GLN A 132 28.51 18.61 -11.02
C GLN A 132 27.36 19.64 -11.05
N LYS A 133 26.21 19.23 -10.54
CA LYS A 133 25.03 20.09 -10.45
C LYS A 133 25.25 21.35 -9.58
N ILE A 134 26.01 21.22 -8.50
CA ILE A 134 26.31 22.35 -7.59
C ILE A 134 27.27 23.38 -8.25
N ASN A 135 28.05 22.96 -9.25
CA ASN A 135 28.89 23.90 -10.03
C ASN A 135 28.13 24.84 -10.96
N GLU A 136 26.83 24.61 -11.24
CA GLU A 136 26.03 25.57 -12.02
C GLU A 136 25.06 26.36 -11.14
N LEU A 137 25.40 26.45 -9.85
CA LEU A 137 24.57 27.16 -8.89
C LEU A 137 24.62 28.65 -9.26
N PRO A 138 23.48 29.25 -9.66
CA PRO A 138 23.42 30.72 -9.84
C PRO A 138 23.76 31.50 -8.55
N THR A 139 24.06 32.80 -8.64
CA THR A 139 24.39 33.61 -7.44
C THR A 139 23.61 34.91 -7.46
N ARG B 31 -15.81 -16.57 9.57
CA ARG B 31 -15.10 -15.43 8.87
C ARG B 31 -13.57 -15.23 9.14
N GLN B 32 -13.16 -14.89 10.39
CA GLN B 32 -11.73 -15.04 10.89
C GLN B 32 -11.53 -16.33 11.73
N THR B 33 -11.13 -17.39 11.01
CA THR B 33 -10.81 -18.71 11.56
C THR B 33 -9.53 -18.57 12.41
N ASN B 34 -9.30 -19.46 13.39
CA ASN B 34 -8.01 -19.43 14.13
C ASN B 34 -6.78 -19.66 13.22
N GLN B 35 -7.00 -20.12 11.99
CA GLN B 35 -5.94 -20.28 11.02
C GLN B 35 -5.42 -18.95 10.44
N LEU B 36 -6.34 -18.11 10.01
CA LEU B 36 -6.00 -16.76 9.58
C LEU B 36 -5.37 -15.92 10.70
N GLN B 37 -5.86 -16.16 11.91
CA GLN B 37 -5.30 -15.59 13.12
C GLN B 37 -3.82 -15.99 13.28
N TYR B 38 -3.51 -17.26 13.04
CA TYR B 38 -2.12 -17.78 13.10
C TYR B 38 -1.23 -17.13 12.01
N LEU B 39 -1.76 -17.02 10.79
CA LEU B 39 -1.01 -16.35 9.71
C LEU B 39 -0.70 -14.87 9.98
N LEU B 40 -1.61 -14.16 10.63
CA LEU B 40 -1.34 -12.79 11.02
C LEU B 40 -0.35 -12.70 12.20
N ARG B 41 -0.65 -13.38 13.30
CA ARG B 41 0.16 -13.31 14.54
C ARG B 41 1.50 -14.05 14.59
N VAL B 42 1.59 -15.17 13.91
CA VAL B 42 2.79 -15.97 13.95
C VAL B 42 3.51 -15.91 12.60
N VAL B 43 2.87 -16.37 11.54
CA VAL B 43 3.60 -16.46 10.25
C VAL B 43 4.09 -15.09 9.69
N LEU B 44 3.19 -14.15 9.49
CA LEU B 44 3.56 -12.85 8.93
C LEU B 44 4.48 -12.07 9.87
N LYS B 45 4.24 -12.18 11.16
CA LYS B 45 4.95 -11.37 12.13
C LYS B 45 6.40 -11.84 12.13
N THR B 46 6.60 -13.15 12.07
CA THR B 46 7.92 -13.75 11.97
C THR B 46 8.70 -13.33 10.75
N LEU B 47 8.04 -13.37 9.61
CA LEU B 47 8.71 -13.03 8.36
C LEU B 47 8.95 -11.54 8.23
N TRP B 48 8.08 -10.72 8.80
CA TRP B 48 8.21 -9.27 8.70
C TRP B 48 9.46 -8.76 9.46
N LYS B 49 9.81 -9.46 10.54
CA LYS B 49 10.92 -9.11 11.44
C LYS B 49 12.25 -9.59 10.97
N HIS B 50 12.27 -10.44 9.98
CA HIS B 50 13.50 -11.08 9.58
C HIS B 50 14.30 -10.03 8.85
N GLN B 51 15.62 -10.21 8.81
CA GLN B 51 16.53 -9.22 8.24
C GLN B 51 16.23 -8.94 6.78
N PHE B 52 15.95 -10.01 6.07
CA PHE B 52 15.67 -10.00 4.63
C PHE B 52 14.27 -9.55 4.18
N ALA B 53 13.36 -9.27 5.11
CA ALA B 53 12.05 -8.81 4.74
C ALA B 53 11.94 -7.54 3.88
N TRP B 54 12.75 -6.54 4.14
CA TRP B 54 12.41 -5.23 3.60
C TRP B 54 12.07 -5.19 2.07
N PRO B 55 12.75 -5.97 1.21
CA PRO B 55 12.36 -5.83 -0.21
C PRO B 55 10.94 -6.35 -0.56
N PHE B 56 10.41 -7.18 0.34
CA PHE B 56 9.08 -7.77 0.21
C PHE B 56 7.99 -7.13 1.11
N GLN B 57 8.27 -5.95 1.68
CA GLN B 57 7.32 -5.27 2.59
C GLN B 57 6.43 -4.27 1.86
N GLN B 58 6.66 -4.09 0.57
CA GLN B 58 5.82 -3.22 -0.23
C GLN B 58 6.03 -3.62 -1.68
N PRO B 59 5.17 -3.14 -2.58
CA PRO B 59 5.40 -3.48 -3.97
C PRO B 59 6.77 -3.10 -4.49
N VAL B 60 7.23 -3.82 -5.49
CA VAL B 60 8.43 -3.50 -6.20
C VAL B 60 8.08 -2.24 -6.94
N ASP B 61 8.68 -1.12 -6.58
CA ASP B 61 8.48 0.15 -7.30
C ASP B 61 9.39 0.10 -8.52
N ALA B 62 8.80 -0.31 -9.63
CA ALA B 62 9.54 -0.49 -10.89
C ALA B 62 9.84 0.84 -11.62
N VAL B 63 9.10 1.88 -11.26
CA VAL B 63 9.39 3.22 -11.74
C VAL B 63 10.74 3.70 -11.21
N LYS B 64 10.92 3.59 -9.90
CA LYS B 64 12.17 3.92 -9.26
C LYS B 64 13.30 3.10 -9.79
N LEU B 65 13.16 1.80 -9.95
CA LEU B 65 14.33 0.99 -10.28
C LEU B 65 14.68 0.94 -11.77
N ASN B 66 13.91 1.67 -12.60
CA ASN B 66 13.97 1.68 -14.09
C ASN B 66 13.83 0.27 -14.65
N LEU B 67 12.75 -0.40 -14.24
CA LEU B 67 12.39 -1.73 -14.71
C LEU B 67 11.09 -1.62 -15.52
N PRO B 68 11.20 -1.23 -16.79
CA PRO B 68 9.92 -1.11 -17.55
C PRO B 68 9.24 -2.50 -17.80
N ASP B 69 10.06 -3.54 -18.00
N ASP B 69 10.11 -3.51 -17.96
CA ASP B 69 9.57 -4.90 -18.25
CA ASP B 69 9.77 -4.91 -18.15
C ASP B 69 8.90 -5.59 -17.03
C ASP B 69 8.93 -5.55 -17.03
N TYR B 70 9.13 -5.13 -15.78
CA TYR B 70 8.61 -5.82 -14.58
C TYR B 70 7.10 -6.01 -14.60
N TYR B 71 6.30 -4.95 -14.56
CA TYR B 71 4.86 -5.18 -14.44
C TYR B 71 4.23 -5.87 -15.65
N LYS B 72 5.01 -6.01 -16.75
CA LYS B 72 4.70 -6.84 -17.95
C LYS B 72 5.04 -8.34 -17.86
N ILE B 73 6.15 -8.68 -17.23
CA ILE B 73 6.50 -10.07 -16.91
C ILE B 73 5.81 -10.62 -15.67
N ILE B 74 5.51 -9.79 -14.67
CA ILE B 74 4.80 -10.27 -13.48
C ILE B 74 3.40 -9.78 -13.55
N LYS B 75 2.51 -10.70 -13.90
CA LYS B 75 1.11 -10.32 -14.10
C LYS B 75 0.35 -10.23 -12.78
N THR B 76 0.80 -10.90 -11.73
CA THR B 76 0.17 -10.76 -10.43
C THR B 76 1.17 -10.45 -9.35
N PRO B 77 1.47 -9.18 -9.16
CA PRO B 77 2.37 -8.79 -8.12
C PRO B 77 1.89 -9.10 -6.71
N MET B 78 2.85 -9.42 -5.84
CA MET B 78 2.63 -9.59 -4.42
C MET B 78 3.80 -9.26 -3.52
N ASP B 79 3.40 -8.89 -2.31
CA ASP B 79 4.26 -8.44 -1.22
C ASP B 79 3.56 -8.65 0.11
N MET B 80 4.34 -8.65 1.17
CA MET B 80 3.81 -8.80 2.51
C MET B 80 3.01 -7.59 2.96
N GLY B 81 3.26 -6.44 2.32
CA GLY B 81 2.51 -5.23 2.61
C GLY B 81 1.05 -5.45 2.33
N THR B 82 0.79 -5.89 1.11
CA THR B 82 -0.54 -6.26 0.61
C THR B 82 -1.16 -7.40 1.41
N ILE B 83 -0.36 -8.41 1.71
CA ILE B 83 -0.83 -9.52 2.55
C ILE B 83 -1.23 -9.04 3.96
N LYS B 84 -0.41 -8.16 4.58
CA LYS B 84 -0.70 -7.59 5.91
C LYS B 84 -2.08 -6.91 5.78
N LYS B 85 -2.23 -6.07 4.75
CA LYS B 85 -3.46 -5.27 4.53
C LYS B 85 -4.69 -6.22 4.48
N ARG B 86 -4.52 -7.29 3.73
CA ARG B 86 -5.59 -8.20 3.46
C ARG B 86 -6.04 -8.97 4.66
N LEU B 87 -5.11 -9.30 5.54
CA LEU B 87 -5.45 -9.98 6.77
C LEU B 87 -6.15 -9.04 7.72
N GLU B 88 -5.65 -7.80 7.79
CA GLU B 88 -6.24 -6.75 8.65
C GLU B 88 -7.67 -6.30 8.20
N ASN B 89 -7.97 -6.54 6.92
CA ASN B 89 -9.20 -6.02 6.38
C ASN B 89 -10.11 -7.11 5.82
N ASN B 90 -10.04 -8.30 6.45
CA ASN B 90 -10.95 -9.43 6.19
C ASN B 90 -11.15 -9.79 4.70
N TYR B 91 -10.11 -9.67 3.89
CA TYR B 91 -10.21 -9.88 2.44
C TYR B 91 -10.37 -11.32 2.11
N TYR B 92 -9.62 -12.17 2.79
CA TYR B 92 -9.52 -13.58 2.45
C TYR B 92 -10.75 -14.42 2.71
N TRP B 93 -11.04 -15.27 1.74
CA TRP B 93 -12.07 -16.29 1.82
C TRP B 93 -11.69 -17.27 2.92
N ASN B 94 -10.40 -17.58 3.03
CA ASN B 94 -9.92 -18.47 4.09
C ASN B 94 -8.39 -18.53 4.13
N ALA B 95 -7.85 -19.17 5.16
CA ALA B 95 -6.37 -19.22 5.25
C ALA B 95 -5.66 -19.68 3.97
N GLN B 96 -6.28 -20.52 3.17
CA GLN B 96 -5.54 -21.08 2.06
C GLN B 96 -5.33 -20.09 0.90
N GLU B 97 -6.24 -19.11 0.80
CA GLU B 97 -6.09 -18.04 -0.18
C GLU B 97 -4.88 -17.14 0.18
N CYS B 98 -4.65 -16.97 1.49
CA CYS B 98 -3.51 -16.22 1.98
C CYS B 98 -2.21 -16.98 1.71
N ILE B 99 -2.20 -18.27 1.99
CA ILE B 99 -1.04 -19.04 1.61
C ILE B 99 -0.73 -18.85 0.12
N GLN B 100 -1.75 -18.89 -0.75
CA GLN B 100 -1.51 -18.73 -2.20
C GLN B 100 -0.73 -17.45 -2.47
N ASP B 101 -1.11 -16.36 -1.80
CA ASP B 101 -0.39 -15.08 -1.92
C ASP B 101 1.10 -15.12 -1.55
N PHE B 102 1.40 -15.71 -0.39
CA PHE B 102 2.77 -15.96 -0.06
C PHE B 102 3.49 -16.72 -1.19
N ASN B 103 2.92 -17.82 -1.67
CA ASN B 103 3.59 -18.56 -2.77
C ASN B 103 3.90 -17.65 -3.99
N THR B 104 2.93 -16.85 -4.38
CA THR B 104 3.04 -16.00 -5.53
C THR B 104 4.12 -14.97 -5.29
N MET B 105 4.17 -14.44 -4.08
CA MET B 105 5.24 -13.51 -3.77
C MET B 105 6.60 -14.15 -4.08
N PHE B 106 6.84 -15.36 -3.56
CA PHE B 106 8.15 -15.98 -3.75
C PHE B 106 8.39 -16.32 -5.20
N THR B 107 7.39 -16.86 -5.88
CA THR B 107 7.61 -17.28 -7.26
C THR B 107 7.74 -16.07 -8.19
N ASN B 108 7.02 -14.99 -7.87
CA ASN B 108 7.23 -13.77 -8.62
C ASN B 108 8.67 -13.40 -8.61
N CYS B 109 9.26 -13.46 -7.42
CA CYS B 109 10.65 -13.13 -7.28
C CYS B 109 11.52 -14.04 -8.13
N TYR B 110 11.26 -15.35 -8.04
CA TYR B 110 12.04 -16.31 -8.84
C TYR B 110 11.81 -16.17 -10.37
N ILE B 111 10.62 -15.74 -10.78
CA ILE B 111 10.34 -15.55 -12.20
C ILE B 111 11.14 -14.40 -12.74
N TYR B 112 11.11 -13.23 -12.07
CA TYR B 112 11.71 -11.98 -12.61
C TYR B 112 13.25 -11.92 -12.50
N ASN B 113 13.83 -12.47 -11.44
CA ASN B 113 15.22 -12.26 -11.12
C ASN B 113 16.08 -13.44 -11.55
N LYS B 114 17.34 -13.17 -11.92
CA LYS B 114 18.28 -14.26 -12.31
C LYS B 114 18.55 -15.09 -11.05
N PRO B 115 18.62 -16.44 -11.16
CA PRO B 115 18.94 -17.24 -9.95
C PRO B 115 20.36 -17.01 -9.51
N GLY B 116 20.59 -17.07 -8.20
CA GLY B 116 21.86 -16.69 -7.62
C GLY B 116 21.97 -15.23 -7.17
N ASP B 117 21.28 -14.30 -7.84
CA ASP B 117 21.17 -12.90 -7.37
C ASP B 117 20.93 -12.84 -5.91
N ASP B 118 21.52 -11.81 -5.27
CA ASP B 118 21.27 -11.50 -3.83
C ASP B 118 19.79 -11.74 -3.51
N ILE B 119 18.96 -11.10 -4.32
CA ILE B 119 17.52 -10.97 -4.07
C ILE B 119 16.75 -12.32 -4.07
N VAL B 120 17.10 -13.19 -4.99
CA VAL B 120 16.59 -14.55 -4.97
C VAL B 120 16.98 -15.30 -3.69
N LEU B 121 18.26 -15.25 -3.30
CA LEU B 121 18.70 -15.98 -2.08
C LEU B 121 17.94 -15.50 -0.86
N MET B 122 17.58 -14.22 -0.85
CA MET B 122 16.78 -13.64 0.23
C MET B 122 15.37 -14.25 0.30
N ALA B 123 14.68 -14.28 -0.84
CA ALA B 123 13.38 -14.95 -0.95
C ALA B 123 13.49 -16.40 -0.51
N GLU B 124 14.47 -17.13 -1.01
CA GLU B 124 14.63 -18.52 -0.60
C GLU B 124 14.75 -18.63 0.93
N ALA B 125 15.53 -17.76 1.55
CA ALA B 125 15.64 -17.79 3.01
C ALA B 125 14.29 -17.61 3.71
N LEU B 126 13.54 -16.60 3.26
CA LEU B 126 12.22 -16.36 3.80
C LEU B 126 11.22 -17.51 3.52
N GLU B 127 11.31 -18.09 2.32
CA GLU B 127 10.42 -19.17 1.95
C GLU B 127 10.70 -20.38 2.79
N LYS B 128 11.97 -20.70 3.03
CA LYS B 128 12.30 -21.83 3.91
C LYS B 128 11.61 -21.64 5.28
N LEU B 129 11.71 -20.40 5.78
CA LEU B 129 11.17 -20.03 7.06
C LEU B 129 9.63 -20.06 7.10
N PHE B 130 9.03 -19.57 6.02
CA PHE B 130 7.61 -19.72 5.80
C PHE B 130 7.14 -21.18 5.95
N LEU B 131 7.79 -22.06 5.20
CA LEU B 131 7.42 -23.48 5.18
C LEU B 131 7.55 -24.13 6.57
N GLN B 132 8.54 -23.73 7.37
CA GLN B 132 8.62 -24.16 8.77
C GLN B 132 7.37 -23.73 9.50
N LYS B 133 7.03 -22.44 9.46
CA LYS B 133 5.95 -21.95 10.30
C LYS B 133 4.56 -22.48 9.93
N ILE B 134 4.37 -22.68 8.62
CA ILE B 134 3.13 -23.19 8.05
C ILE B 134 2.84 -24.66 8.44
N ASN B 135 3.90 -25.45 8.69
CA ASN B 135 3.76 -26.83 9.18
C ASN B 135 3.07 -26.97 10.51
N GLU B 136 3.27 -26.02 11.43
CA GLU B 136 2.56 -26.00 12.74
C GLU B 136 1.17 -25.32 12.68
N LEU B 137 0.62 -25.11 11.49
CA LEU B 137 -0.69 -24.50 11.36
C LEU B 137 -1.80 -25.41 11.97
N PRO B 138 -2.59 -24.89 12.95
CA PRO B 138 -3.70 -25.69 13.59
C PRO B 138 -4.80 -26.06 12.60
N THR B 139 -5.68 -27.03 12.90
CA THR B 139 -6.85 -27.33 12.02
C THR B 139 -8.19 -26.77 12.58
N GLU B 140 -9.14 -26.53 11.66
CA GLU B 140 -10.36 -25.71 11.92
C GLU B 140 -10.06 -24.26 12.30
N ASN C 25 -25.01 -41.63 0.34
CA ASN C 25 -25.51 -40.43 -0.39
C ASN C 25 -24.31 -39.72 -1.08
N PRO C 26 -24.18 -39.86 -2.43
CA PRO C 26 -23.05 -39.26 -3.16
C PRO C 26 -23.18 -37.75 -3.29
N ASN C 27 -24.41 -37.26 -3.09
CA ASN C 27 -24.75 -35.83 -3.08
C ASN C 27 -24.23 -35.20 -1.79
N LYS C 28 -23.02 -34.61 -1.90
CA LYS C 28 -22.30 -33.95 -0.78
C LYS C 28 -22.94 -32.56 -0.56
N PRO C 29 -22.82 -31.95 0.67
CA PRO C 29 -23.60 -30.70 0.89
C PRO C 29 -23.05 -29.49 0.08
N LYS C 30 -23.94 -28.57 -0.34
CA LYS C 30 -23.53 -27.36 -1.06
C LYS C 30 -22.65 -26.55 -0.09
N ARG C 31 -21.57 -25.99 -0.63
CA ARG C 31 -20.48 -25.34 0.13
C ARG C 31 -20.93 -24.24 1.09
N GLN C 32 -20.46 -24.25 2.36
CA GLN C 32 -20.83 -23.21 3.38
C GLN C 32 -19.96 -21.93 3.27
N THR C 33 -20.47 -20.89 2.59
CA THR C 33 -19.73 -19.64 2.36
C THR C 33 -20.38 -18.56 3.24
N ASN C 34 -19.54 -17.77 3.91
CA ASN C 34 -19.96 -16.68 4.81
C ASN C 34 -20.61 -15.54 4.04
N GLN C 35 -21.69 -15.00 4.60
CA GLN C 35 -22.45 -13.96 3.92
C GLN C 35 -21.74 -12.60 3.82
N LEU C 36 -21.22 -12.13 4.95
CA LEU C 36 -20.51 -10.87 4.91
C LEU C 36 -19.27 -10.92 4.04
N GLN C 37 -18.56 -12.05 3.97
CA GLN C 37 -17.39 -12.18 3.09
C GLN C 37 -17.85 -11.99 1.69
N TYR C 38 -19.02 -12.57 1.37
CA TYR C 38 -19.55 -12.55 0.02
C TYR C 38 -19.87 -11.10 -0.27
N LEU C 39 -20.45 -10.42 0.71
CA LEU C 39 -20.77 -9.00 0.50
C LEU C 39 -19.56 -8.14 0.10
N LEU C 40 -18.43 -8.41 0.71
CA LEU C 40 -17.21 -7.66 0.41
C LEU C 40 -16.61 -8.10 -0.94
N ARG C 41 -16.39 -9.40 -1.07
CA ARG C 41 -15.61 -9.90 -2.16
C ARG C 41 -16.38 -9.94 -3.46
N VAL C 42 -17.69 -9.95 -3.39
CA VAL C 42 -18.54 -10.15 -4.57
C VAL C 42 -19.43 -8.93 -4.77
N VAL C 43 -20.31 -8.64 -3.84
CA VAL C 43 -21.32 -7.60 -4.07
C VAL C 43 -20.67 -6.23 -4.23
N LEU C 44 -19.94 -5.80 -3.20
CA LEU C 44 -19.31 -4.50 -3.19
C LEU C 44 -18.32 -4.36 -4.32
N LYS C 45 -17.53 -5.40 -4.56
CA LYS C 45 -16.43 -5.30 -5.48
C LYS C 45 -17.01 -5.07 -6.87
N THR C 46 -18.22 -5.57 -7.13
CA THR C 46 -18.91 -5.39 -8.43
C THR C 46 -19.45 -3.97 -8.56
N LEU C 47 -20.22 -3.55 -7.56
CA LEU C 47 -20.73 -2.18 -7.53
C LEU C 47 -19.61 -1.13 -7.70
N TRP C 48 -18.49 -1.36 -7.01
CA TRP C 48 -17.36 -0.42 -7.01
C TRP C 48 -16.72 -0.20 -8.37
N LYS C 49 -16.53 -1.28 -9.13
CA LYS C 49 -15.97 -1.24 -10.50
C LYS C 49 -16.85 -0.45 -11.47
N HIS C 50 -18.16 -0.62 -11.34
CA HIS C 50 -19.16 -0.09 -12.26
C HIS C 50 -18.99 1.42 -12.57
N GLN C 51 -19.18 1.81 -13.82
CA GLN C 51 -18.89 3.22 -14.27
C GLN C 51 -19.63 4.29 -13.48
N PHE C 52 -20.88 4.04 -13.09
CA PHE C 52 -21.65 4.95 -12.22
C PHE C 52 -21.35 4.88 -10.72
N ALA C 53 -20.18 4.41 -10.28
CA ALA C 53 -19.95 4.25 -8.83
C ALA C 53 -19.47 5.51 -8.16
N TRP C 54 -18.67 6.29 -8.89
CA TRP C 54 -17.90 7.37 -8.30
C TRP C 54 -18.65 8.35 -7.43
N PRO C 55 -19.91 8.69 -7.75
CA PRO C 55 -20.56 9.58 -6.80
C PRO C 55 -20.93 8.93 -5.45
N PHE C 56 -20.72 7.63 -5.30
CA PHE C 56 -21.12 6.94 -4.08
C PHE C 56 -19.95 6.32 -3.34
N GLN C 57 -18.72 6.60 -3.76
CA GLN C 57 -17.55 5.95 -3.19
C GLN C 57 -17.02 6.66 -1.96
N GLN C 58 -17.49 7.89 -1.74
CA GLN C 58 -17.14 8.74 -0.58
C GLN C 58 -18.44 9.36 -0.13
N PRO C 59 -18.42 10.12 0.99
CA PRO C 59 -19.74 10.71 1.33
C PRO C 59 -20.09 11.88 0.43
N VAL C 60 -21.33 12.33 0.50
CA VAL C 60 -21.73 13.50 -0.26
C VAL C 60 -21.09 14.65 0.46
N ASP C 61 -20.32 15.46 -0.27
CA ASP C 61 -19.62 16.62 0.31
C ASP C 61 -20.41 17.94 0.12
N ALA C 62 -21.23 18.25 1.11
CA ALA C 62 -22.22 19.34 1.02
C ALA C 62 -21.66 20.75 1.24
N VAL C 63 -20.38 20.84 1.63
CA VAL C 63 -19.64 22.10 1.50
C VAL C 63 -19.39 22.30 0.00
N LYS C 64 -18.51 21.49 -0.54
CA LYS C 64 -17.89 21.66 -1.86
C LYS C 64 -18.85 21.65 -3.06
N LEU C 65 -20.04 21.07 -2.87
CA LEU C 65 -21.22 21.40 -3.68
C LEU C 65 -22.04 22.25 -2.75
N ASN C 66 -22.57 23.35 -3.26
CA ASN C 66 -23.20 24.30 -2.38
C ASN C 66 -24.55 23.68 -2.00
N LEU C 67 -24.66 23.08 -0.81
CA LEU C 67 -25.95 22.51 -0.35
C LEU C 67 -26.03 22.38 1.17
N PRO C 68 -25.89 23.50 1.91
CA PRO C 68 -25.86 23.44 3.38
C PRO C 68 -27.11 22.78 4.03
N ASP C 69 -28.17 22.63 3.26
CA ASP C 69 -29.33 21.84 3.65
C ASP C 69 -29.21 20.28 3.66
N TYR C 70 -28.21 19.69 2.98
CA TYR C 70 -28.17 18.22 2.79
C TYR C 70 -28.32 17.50 4.13
N TYR C 71 -27.49 17.92 5.10
CA TYR C 71 -27.42 17.25 6.41
C TYR C 71 -28.66 17.38 7.27
N LYS C 72 -29.48 18.39 7.02
CA LYS C 72 -30.80 18.51 7.68
C LYS C 72 -31.87 17.62 7.03
N ILE C 73 -31.82 17.45 5.71
CA ILE C 73 -32.82 16.64 4.97
C ILE C 73 -32.52 15.13 5.05
N ILE C 74 -31.24 14.76 5.17
CA ILE C 74 -30.79 13.36 5.29
C ILE C 74 -30.40 13.04 6.73
N LYS C 75 -31.34 12.39 7.42
CA LYS C 75 -31.13 11.86 8.76
C LYS C 75 -29.71 11.25 8.89
N THR C 76 -29.51 10.08 8.28
CA THR C 76 -28.32 9.24 8.49
C THR C 76 -27.69 8.93 7.11
N PRO C 77 -26.57 9.63 6.76
CA PRO C 77 -25.96 9.51 5.43
C PRO C 77 -25.28 8.20 5.26
N MET C 78 -24.88 7.87 4.04
CA MET C 78 -24.29 6.58 3.72
C MET C 78 -23.68 6.51 2.33
N ASP C 79 -22.59 5.74 2.22
CA ASP C 79 -21.92 5.52 0.94
C ASP C 79 -21.12 4.24 0.94
N MET C 80 -20.72 3.80 -0.25
CA MET C 80 -19.93 2.58 -0.41
C MET C 80 -18.58 2.71 0.26
N GLY C 81 -18.04 3.93 0.30
CA GLY C 81 -16.83 4.21 1.07
C GLY C 81 -16.87 3.72 2.52
N THR C 82 -17.97 4.09 3.18
CA THR C 82 -18.21 3.76 4.57
C THR C 82 -18.58 2.27 4.73
N ILE C 83 -19.26 1.71 3.74
CA ILE C 83 -19.66 0.33 3.81
C ILE C 83 -18.40 -0.54 3.68
N LYS C 84 -17.49 -0.13 2.81
CA LYS C 84 -16.24 -0.81 2.67
C LYS C 84 -15.43 -0.77 3.97
N LYS C 85 -15.23 0.40 4.55
CA LYS C 85 -14.57 0.49 5.87
C LYS C 85 -15.20 -0.49 6.84
N ARG C 86 -16.51 -0.51 6.89
CA ARG C 86 -17.21 -1.36 7.84
C ARG C 86 -17.03 -2.87 7.68
N LEU C 87 -16.95 -3.30 6.42
CA LEU C 87 -16.73 -4.69 6.13
C LEU C 87 -15.31 -5.03 6.46
N GLU C 88 -14.40 -4.09 6.24
CA GLU C 88 -12.98 -4.31 6.52
C GLU C 88 -12.53 -4.22 8.01
N ASN C 89 -13.42 -3.70 8.86
CA ASN C 89 -13.02 -3.34 10.20
C ASN C 89 -14.06 -3.80 11.23
N ASN C 90 -14.60 -4.98 10.94
CA ASN C 90 -15.48 -5.78 11.82
C ASN C 90 -16.59 -5.01 12.44
N TYR C 91 -17.22 -4.14 11.69
CA TYR C 91 -18.31 -3.31 12.24
C TYR C 91 -19.56 -4.12 12.28
N TYR C 92 -19.97 -4.67 11.14
CA TYR C 92 -21.29 -5.27 11.01
C TYR C 92 -21.56 -6.53 11.88
N TRP C 93 -22.70 -6.51 12.55
CA TRP C 93 -23.17 -7.61 13.36
C TRP C 93 -23.56 -8.76 12.47
N ASN C 94 -24.29 -8.49 11.39
CA ASN C 94 -24.73 -9.54 10.42
C ASN C 94 -24.94 -8.94 9.07
N ALA C 95 -25.07 -9.81 8.08
CA ALA C 95 -25.27 -9.37 6.72
C ALA C 95 -26.52 -8.49 6.57
N GLN C 96 -27.56 -8.75 7.39
CA GLN C 96 -28.76 -7.87 7.30
C GLN C 96 -28.41 -6.37 7.48
N GLU C 97 -27.67 -6.06 8.54
CA GLU C 97 -27.16 -4.70 8.80
C GLU C 97 -26.41 -4.02 7.64
N CYS C 98 -25.61 -4.79 6.91
CA CYS C 98 -24.84 -4.25 5.78
C CYS C 98 -25.76 -3.93 4.61
N ILE C 99 -26.71 -4.82 4.34
CA ILE C 99 -27.74 -4.54 3.36
C ILE C 99 -28.55 -3.27 3.68
N GLN C 100 -28.98 -3.12 4.93
CA GLN C 100 -29.67 -1.89 5.38
C GLN C 100 -28.95 -0.62 4.93
N ASP C 101 -27.63 -0.65 5.04
CA ASP C 101 -26.81 0.50 4.76
C ASP C 101 -26.79 0.73 3.28
N PHE C 102 -26.83 -0.33 2.50
CA PHE C 102 -26.96 -0.18 1.04
C PHE C 102 -28.30 0.51 0.72
N ASN C 103 -29.43 -0.07 1.16
CA ASN C 103 -30.78 0.50 0.90
C ASN C 103 -30.82 1.99 1.27
N THR C 104 -30.37 2.27 2.49
CA THR C 104 -30.25 3.62 3.00
C THR C 104 -29.43 4.53 2.09
N MET C 105 -28.32 4.06 1.54
CA MET C 105 -27.58 4.84 0.54
C MET C 105 -28.45 5.26 -0.66
N PHE C 106 -29.20 4.30 -1.18
CA PHE C 106 -30.08 4.55 -2.34
C PHE C 106 -31.22 5.46 -1.98
N THR C 107 -32.01 5.06 -0.98
CA THR C 107 -33.14 5.86 -0.53
C THR C 107 -32.69 7.30 -0.17
N ASN C 108 -31.57 7.51 0.54
CA ASN C 108 -31.01 8.89 0.69
C ASN C 108 -30.99 9.61 -0.66
N CYS C 109 -30.36 9.00 -1.66
CA CYS C 109 -30.24 9.62 -2.98
C CYS C 109 -31.58 9.94 -3.67
N TYR C 110 -32.56 9.04 -3.58
CA TYR C 110 -33.89 9.28 -4.15
C TYR C 110 -34.71 10.39 -3.44
N ILE C 111 -34.58 10.49 -2.12
CA ILE C 111 -35.21 11.57 -1.36
C ILE C 111 -34.60 12.88 -1.85
N TYR C 112 -33.35 13.14 -1.48
CA TYR C 112 -32.80 14.46 -1.64
C TYR C 112 -32.72 14.95 -3.09
N ASN C 113 -32.79 14.07 -4.08
CA ASN C 113 -32.79 14.52 -5.47
C ASN C 113 -34.17 14.37 -6.14
N LYS C 114 -34.39 15.19 -7.17
CA LYS C 114 -35.66 15.26 -7.86
C LYS C 114 -35.65 14.14 -8.91
N PRO C 115 -36.65 13.22 -8.86
CA PRO C 115 -36.70 12.08 -9.82
C PRO C 115 -36.37 12.49 -11.26
N GLY C 116 -35.78 11.56 -12.02
CA GLY C 116 -35.30 11.88 -13.36
C GLY C 116 -34.04 12.74 -13.45
N ASP C 117 -33.46 13.17 -12.30
CA ASP C 117 -32.08 13.68 -12.26
C ASP C 117 -31.08 12.63 -12.77
N ASP C 118 -29.83 13.02 -12.97
CA ASP C 118 -28.79 12.06 -13.36
C ASP C 118 -28.30 11.18 -12.21
N ILE C 119 -27.93 11.81 -11.11
CA ILE C 119 -27.66 11.07 -9.90
C ILE C 119 -28.72 9.98 -9.68
N VAL C 120 -30.01 10.29 -9.82
CA VAL C 120 -31.06 9.29 -9.54
C VAL C 120 -31.07 8.09 -10.52
N LEU C 121 -30.75 8.32 -11.78
CA LEU C 121 -30.73 7.21 -12.74
C LEU C 121 -29.53 6.29 -12.51
N MET C 122 -28.40 6.90 -12.12
CA MET C 122 -27.19 6.17 -11.70
C MET C 122 -27.47 5.27 -10.48
N ALA C 123 -28.12 5.83 -9.47
CA ALA C 123 -28.51 5.08 -8.30
C ALA C 123 -29.49 3.97 -8.61
N GLU C 124 -30.43 4.24 -9.51
CA GLU C 124 -31.40 3.21 -9.97
C GLU C 124 -30.70 2.04 -10.68
N ALA C 125 -29.64 2.34 -11.44
CA ALA C 125 -28.84 1.33 -12.12
C ALA C 125 -28.04 0.47 -11.15
N LEU C 126 -27.39 1.12 -10.17
CA LEU C 126 -26.65 0.41 -9.12
C LEU C 126 -27.57 -0.40 -8.25
N GLU C 127 -28.77 0.12 -7.99
CA GLU C 127 -29.75 -0.69 -7.27
C GLU C 127 -30.23 -1.90 -8.05
N LYS C 128 -30.47 -1.76 -9.37
CA LYS C 128 -30.98 -2.89 -10.13
C LYS C 128 -29.94 -4.03 -9.96
N LEU C 129 -28.68 -3.68 -10.16
CA LEU C 129 -27.54 -4.58 -10.07
C LEU C 129 -27.34 -5.18 -8.67
N PHE C 130 -27.42 -4.31 -7.69
CA PHE C 130 -27.42 -4.72 -6.28
C PHE C 130 -28.40 -5.86 -6.02
N LEU C 131 -29.64 -5.65 -6.42
CA LEU C 131 -30.67 -6.66 -6.19
C LEU C 131 -30.44 -7.95 -6.96
N GLN C 132 -29.78 -7.89 -8.13
CA GLN C 132 -29.36 -9.14 -8.82
C GLN C 132 -28.38 -9.90 -7.96
N LYS C 133 -27.34 -9.19 -7.52
CA LYS C 133 -26.21 -9.78 -6.77
C LYS C 133 -26.64 -10.30 -5.41
N ILE C 134 -27.59 -9.61 -4.77
CA ILE C 134 -28.14 -10.04 -3.47
C ILE C 134 -28.91 -11.36 -3.57
N ASN C 135 -29.54 -11.60 -4.72
CA ASN C 135 -30.44 -12.75 -4.93
C ASN C 135 -29.68 -14.05 -5.00
N GLU C 136 -28.42 -13.98 -5.44
CA GLU C 136 -27.52 -15.12 -5.48
C GLU C 136 -26.61 -15.19 -4.20
N LEU C 137 -27.01 -14.54 -3.09
CA LEU C 137 -26.28 -14.58 -1.80
C LEU C 137 -26.38 -15.94 -1.10
N PRO C 138 -25.29 -16.45 -0.49
CA PRO C 138 -25.38 -17.80 0.08
C PRO C 138 -26.11 -17.92 1.40
N THR C 139 -26.27 -19.18 1.83
CA THR C 139 -26.95 -19.54 3.08
C THR C 139 -26.35 -20.87 3.58
#